data_1M4J
#
_entry.id   1M4J
#
_cell.length_a   47.544
_cell.length_b   74.488
_cell.length_c   76.946
_cell.angle_alpha   90.00
_cell.angle_beta   90.00
_cell.angle_gamma   90.00
#
_symmetry.space_group_name_H-M   'P 21 21 21'
#
loop_
_entity.id
_entity.type
_entity.pdbx_description
1 polymer 'A6 gene product'
2 water water
#
_entity_poly.entity_id   1
_entity_poly.type   'polypeptide(L)'
_entity_poly.pdbx_seq_one_letter_code
;MSHQTGIQASEDVKEIFARARNGKYRLLKISIENEQLVVGSCSPPSDSWEQDYDSFVLPLLEDKQPCYVLFRLDSQNAQG
YEWIFIAWSPDHSHVRQKMLYAATRATLKKEFGGGHIKDEVFGTVKEDVSLHGYKKYLLSQS
;
_entity_poly.pdbx_strand_id   A,B
#
# COMPACT_ATOMS: atom_id res chain seq x y z
N ILE A 7 9.07 -16.66 -10.54
CA ILE A 7 8.38 -17.63 -9.63
C ILE A 7 9.01 -17.66 -8.25
N GLN A 8 9.81 -16.63 -7.94
CA GLN A 8 10.46 -16.53 -6.64
C GLN A 8 10.49 -15.07 -6.20
N ALA A 9 10.74 -14.84 -4.92
CA ALA A 9 10.79 -13.49 -4.39
C ALA A 9 12.22 -12.97 -4.36
N SER A 10 12.43 -11.76 -4.87
CA SER A 10 13.74 -11.14 -4.89
C SER A 10 14.16 -10.80 -3.47
N GLU A 11 15.43 -10.42 -3.31
CA GLU A 11 15.92 -10.05 -1.98
C GLU A 11 15.35 -8.68 -1.61
N ASP A 12 14.97 -7.89 -2.60
CA ASP A 12 14.38 -6.58 -2.33
C ASP A 12 13.07 -6.86 -1.61
N VAL A 13 12.35 -7.87 -2.09
CA VAL A 13 11.08 -8.24 -1.48
C VAL A 13 11.31 -8.87 -0.11
N LYS A 14 12.35 -9.69 0.01
CA LYS A 14 12.62 -10.34 1.28
C LYS A 14 13.05 -9.35 2.37
N GLU A 15 13.60 -8.22 1.97
CA GLU A 15 13.99 -7.22 2.96
C GLU A 15 12.70 -6.65 3.53
N ILE A 16 11.70 -6.45 2.66
CA ILE A 16 10.42 -5.92 3.11
C ILE A 16 9.69 -6.96 3.95
N PHE A 17 9.83 -8.24 3.60
CA PHE A 17 9.20 -9.30 4.38
C PHE A 17 9.71 -9.25 5.82
N ALA A 18 11.01 -9.01 5.97
CA ALA A 18 11.63 -8.95 7.29
C ALA A 18 11.08 -7.76 8.07
N ARG A 19 10.97 -6.60 7.41
CA ARG A 19 10.45 -5.41 8.08
C ARG A 19 9.03 -5.67 8.54
N ALA A 20 8.25 -6.32 7.68
CA ALA A 20 6.86 -6.63 7.98
C ALA A 20 6.77 -7.55 9.19
N ARG A 21 7.53 -8.64 9.18
CA ARG A 21 7.50 -9.59 10.28
C ARG A 21 7.99 -8.97 11.58
N ASN A 22 8.77 -7.90 11.48
CA ASN A 22 9.27 -7.25 12.68
C ASN A 22 8.11 -6.49 13.34
N GLY A 23 7.02 -6.35 12.59
CA GLY A 23 5.85 -5.67 13.11
C GLY A 23 5.56 -4.33 12.45
N LYS A 24 6.47 -3.89 11.60
CA LYS A 24 6.34 -2.60 10.94
C LYS A 24 5.12 -2.48 10.02
N TYR A 25 4.67 -3.60 9.51
CA TYR A 25 3.51 -3.60 8.63
C TYR A 25 2.41 -4.53 9.12
N ARG A 26 1.17 -4.08 8.94
CA ARG A 26 0.01 -4.87 9.30
C ARG A 26 -0.38 -5.70 8.08
N LEU A 27 -0.12 -5.15 6.90
CA LEU A 27 -0.48 -5.83 5.67
C LEU A 27 0.49 -5.64 4.52
N LEU A 28 0.65 -6.69 3.73
CA LEU A 28 1.48 -6.65 2.54
C LEU A 28 0.63 -7.24 1.43
N LYS A 29 0.51 -6.52 0.33
CA LYS A 29 -0.22 -7.04 -0.82
C LYS A 29 0.85 -7.45 -1.81
N ILE A 30 0.83 -8.72 -2.21
CA ILE A 30 1.81 -9.26 -3.13
C ILE A 30 1.18 -9.61 -4.47
N SER A 31 1.86 -9.21 -5.54
CA SER A 31 1.37 -9.49 -6.88
C SER A 31 2.47 -10.14 -7.69
N ILE A 32 2.09 -10.68 -8.85
CA ILE A 32 3.06 -11.30 -9.74
C ILE A 32 3.10 -10.42 -10.96
N GLU A 33 4.25 -9.78 -11.19
CA GLU A 33 4.44 -8.89 -12.33
C GLU A 33 5.73 -9.26 -13.05
N ASN A 34 5.61 -9.63 -14.32
CA ASN A 34 6.77 -10.03 -15.12
C ASN A 34 7.50 -11.22 -14.51
N GLU A 35 6.75 -12.29 -14.24
CA GLU A 35 7.32 -13.51 -13.68
C GLU A 35 8.09 -13.26 -12.39
N GLN A 36 7.64 -12.31 -11.59
CA GLN A 36 8.32 -12.00 -10.34
C GLN A 36 7.34 -11.60 -9.24
N LEU A 37 7.64 -12.00 -8.02
CA LEU A 37 6.79 -11.66 -6.87
C LEU A 37 7.19 -10.27 -6.40
N VAL A 38 6.22 -9.37 -6.33
CA VAL A 38 6.49 -7.99 -5.90
C VAL A 38 5.51 -7.51 -4.85
N VAL A 39 5.94 -6.55 -4.05
CA VAL A 39 5.07 -5.97 -3.03
C VAL A 39 4.44 -4.75 -3.67
N GLY A 40 3.12 -4.74 -3.75
CA GLY A 40 2.44 -3.62 -4.36
C GLY A 40 1.97 -2.62 -3.34
N SER A 41 1.24 -3.09 -2.34
CA SER A 41 0.72 -2.22 -1.31
C SER A 41 1.05 -2.78 0.07
N CYS A 42 1.26 -1.87 1.01
CA CYS A 42 1.54 -2.27 2.38
C CYS A 42 0.97 -1.21 3.30
N SER A 43 0.55 -1.64 4.48
CA SER A 43 -0.04 -0.72 5.45
C SER A 43 0.52 -0.97 6.83
N PRO A 44 0.90 0.09 7.55
CA PRO A 44 1.43 -0.07 8.90
C PRO A 44 0.23 -0.36 9.79
N PRO A 45 0.45 -0.88 11.00
CA PRO A 45 -0.67 -1.17 11.90
C PRO A 45 -1.26 0.14 12.39
N SER A 46 -2.54 0.14 12.74
CA SER A 46 -3.17 1.34 13.27
C SER A 46 -3.77 0.99 14.62
N ASP A 47 -4.78 0.12 14.60
CA ASP A 47 -5.43 -0.30 15.83
C ASP A 47 -5.22 -1.81 16.03
N SER A 48 -6.18 -2.52 16.60
CA SER A 48 -5.99 -3.96 16.78
C SER A 48 -6.16 -4.65 15.43
N TRP A 49 -5.75 -5.91 15.31
CA TRP A 49 -5.86 -6.58 14.03
C TRP A 49 -7.29 -6.66 13.51
N GLU A 50 -8.26 -6.86 14.41
CA GLU A 50 -9.66 -6.95 14.02
C GLU A 50 -10.21 -5.60 13.56
N GLN A 51 -9.73 -4.54 14.20
CA GLN A 51 -10.17 -3.19 13.86
C GLN A 51 -9.57 -2.76 12.52
N ASP A 52 -8.38 -3.26 12.21
CA ASP A 52 -7.68 -2.93 10.96
C ASP A 52 -8.13 -3.78 9.76
N TYR A 53 -8.52 -5.03 10.02
CA TYR A 53 -8.85 -5.98 8.96
C TYR A 53 -9.62 -5.53 7.71
N ASP A 54 -10.94 -5.36 7.83
CA ASP A 54 -11.71 -4.99 6.66
C ASP A 54 -11.34 -3.68 5.99
N SER A 55 -10.98 -2.67 6.78
CA SER A 55 -10.61 -1.38 6.20
C SER A 55 -9.30 -1.44 5.42
N PHE A 56 -8.42 -2.37 5.80
CA PHE A 56 -7.12 -2.51 5.13
C PHE A 56 -7.13 -3.51 3.98
N VAL A 57 -7.81 -4.63 4.20
CA VAL A 57 -7.85 -5.71 3.22
C VAL A 57 -8.78 -5.55 2.04
N LEU A 58 -10.06 -5.36 2.30
CA LEU A 58 -11.06 -5.29 1.25
C LEU A 58 -10.84 -4.30 0.10
N PRO A 59 -10.43 -3.06 0.41
CA PRO A 59 -10.22 -2.09 -0.68
C PRO A 59 -9.14 -2.47 -1.68
N LEU A 60 -8.19 -3.30 -1.27
CA LEU A 60 -7.09 -3.71 -2.13
C LEU A 60 -7.38 -4.91 -3.02
N LEU A 61 -8.56 -5.51 -2.86
CA LEU A 61 -8.92 -6.68 -3.67
C LEU A 61 -9.63 -6.28 -4.96
N GLU A 62 -8.90 -6.28 -6.07
CA GLU A 62 -9.44 -5.91 -7.38
C GLU A 62 -10.47 -6.91 -7.89
N ASP A 63 -11.50 -6.40 -8.56
CA ASP A 63 -12.57 -7.23 -9.09
C ASP A 63 -12.17 -8.25 -10.14
N LYS A 64 -11.16 -7.93 -10.95
CA LYS A 64 -10.75 -8.84 -12.01
C LYS A 64 -9.25 -9.10 -12.03
N GLN A 65 -8.64 -9.08 -10.86
CA GLN A 65 -7.20 -9.30 -10.76
C GLN A 65 -6.82 -10.04 -9.49
N PRO A 66 -6.19 -11.21 -9.61
CA PRO A 66 -5.80 -11.95 -8.40
C PRO A 66 -4.66 -11.25 -7.68
N CYS A 67 -4.43 -11.65 -6.43
CA CYS A 67 -3.34 -11.10 -5.63
C CYS A 67 -3.22 -11.95 -4.37
N TYR A 68 -2.21 -11.65 -3.57
CA TYR A 68 -2.01 -12.34 -2.30
C TYR A 68 -1.98 -11.24 -1.26
N VAL A 69 -2.54 -11.51 -0.10
CA VAL A 69 -2.49 -10.54 0.99
C VAL A 69 -1.96 -11.26 2.21
N LEU A 70 -0.91 -10.71 2.80
CA LEU A 70 -0.33 -11.25 4.02
C LEU A 70 -0.79 -10.27 5.09
N PHE A 71 -1.63 -10.75 6.00
CA PHE A 71 -2.18 -9.91 7.06
C PHE A 71 -1.66 -10.36 8.42
N ARG A 72 -1.03 -9.44 9.13
CA ARG A 72 -0.42 -9.74 10.44
C ARG A 72 -1.38 -9.68 11.63
N LEU A 73 -1.35 -10.72 12.44
CA LEU A 73 -2.20 -10.77 13.64
C LEU A 73 -1.45 -10.08 14.77
N ASP A 74 -2.07 -9.96 15.94
CA ASP A 74 -1.40 -9.34 17.08
C ASP A 74 -0.74 -10.42 17.92
N SER A 75 -1.13 -11.67 17.68
CA SER A 75 -0.59 -12.80 18.42
C SER A 75 0.74 -13.26 17.84
N GLN A 76 1.50 -14.01 18.63
CA GLN A 76 2.78 -14.52 18.17
C GLN A 76 2.95 -15.98 18.53
N ASN A 77 3.79 -16.68 17.77
CA ASN A 77 4.12 -18.07 18.04
C ASN A 77 5.60 -18.06 18.37
N ALA A 78 6.23 -19.24 18.46
CA ALA A 78 7.64 -19.31 18.80
C ALA A 78 8.56 -18.58 17.82
N GLN A 79 8.08 -18.33 16.61
CA GLN A 79 8.85 -17.65 15.57
C GLN A 79 8.52 -16.15 15.39
N GLY A 80 7.60 -15.63 16.20
CA GLY A 80 7.23 -14.23 16.07
C GLY A 80 5.76 -14.05 15.73
N TYR A 81 5.40 -12.89 15.21
CA TYR A 81 4.01 -12.62 14.86
C TYR A 81 3.44 -13.67 13.92
N GLU A 82 2.17 -14.01 14.12
CA GLU A 82 1.48 -14.99 13.28
C GLU A 82 0.78 -14.21 12.17
N TRP A 83 0.65 -14.83 11.00
CA TRP A 83 0.02 -14.18 9.85
C TRP A 83 -1.09 -14.98 9.21
N ILE A 84 -1.96 -14.26 8.49
CA ILE A 84 -3.04 -14.87 7.73
C ILE A 84 -2.55 -14.73 6.29
N PHE A 85 -2.58 -15.82 5.53
CA PHE A 85 -2.16 -15.80 4.13
C PHE A 85 -3.41 -15.91 3.29
N ILE A 86 -3.78 -14.80 2.63
CA ILE A 86 -4.98 -14.73 1.81
C ILE A 86 -4.67 -14.85 0.33
N ALA A 87 -5.31 -15.82 -0.35
CA ALA A 87 -5.14 -16.00 -1.79
C ALA A 87 -6.44 -15.52 -2.43
N TRP A 88 -6.34 -14.38 -3.13
CA TRP A 88 -7.49 -13.77 -3.78
C TRP A 88 -7.45 -14.05 -5.28
N SER A 89 -8.51 -14.65 -5.82
CA SER A 89 -8.57 -14.95 -7.25
C SER A 89 -10.00 -14.84 -7.74
N PRO A 90 -10.44 -13.63 -8.11
CA PRO A 90 -11.79 -13.35 -8.60
C PRO A 90 -12.17 -14.19 -9.81
N ASP A 91 -13.47 -14.41 -9.97
CA ASP A 91 -14.00 -15.19 -11.07
C ASP A 91 -13.83 -14.45 -12.38
N HIS A 92 -13.78 -13.12 -12.32
CA HIS A 92 -13.64 -12.30 -13.51
C HIS A 92 -12.19 -12.03 -13.90
N SER A 93 -11.27 -12.80 -13.33
CA SER A 93 -9.84 -12.65 -13.63
C SER A 93 -9.53 -13.51 -14.85
N HIS A 94 -8.45 -13.18 -15.55
CA HIS A 94 -8.08 -13.97 -16.72
C HIS A 94 -7.61 -15.36 -16.26
N VAL A 95 -8.01 -16.39 -17.00
CA VAL A 95 -7.63 -17.75 -16.66
C VAL A 95 -6.14 -17.90 -16.42
N ARG A 96 -5.34 -17.25 -17.26
CA ARG A 96 -3.89 -17.32 -17.13
C ARG A 96 -3.49 -16.83 -15.75
N GLN A 97 -4.08 -15.72 -15.32
CA GLN A 97 -3.78 -15.14 -14.01
C GLN A 97 -4.17 -16.10 -12.89
N LYS A 98 -5.36 -16.70 -12.99
CA LYS A 98 -5.81 -17.65 -11.98
C LYS A 98 -4.81 -18.79 -11.85
N MET A 99 -4.35 -19.32 -12.99
CA MET A 99 -3.39 -20.41 -12.98
C MET A 99 -2.06 -19.98 -12.38
N LEU A 100 -1.57 -18.82 -12.79
CA LEU A 100 -0.30 -18.30 -12.32
C LEU A 100 -0.26 -18.13 -10.80
N TYR A 101 -1.28 -17.49 -10.25
CA TYR A 101 -1.32 -17.29 -8.81
C TYR A 101 -1.52 -18.56 -8.01
N ALA A 102 -2.32 -19.48 -8.54
CA ALA A 102 -2.53 -20.74 -7.83
C ALA A 102 -1.25 -21.58 -7.82
N ALA A 103 -0.50 -21.53 -8.91
CA ALA A 103 0.73 -22.31 -9.02
C ALA A 103 1.91 -21.71 -8.25
N THR A 104 1.81 -20.42 -7.94
CA THR A 104 2.88 -19.73 -7.23
C THR A 104 2.62 -19.54 -5.74
N ARG A 105 1.40 -19.84 -5.28
CA ARG A 105 1.05 -19.66 -3.87
C ARG A 105 1.99 -20.35 -2.90
N ALA A 106 2.25 -21.63 -3.15
CA ALA A 106 3.13 -22.40 -2.28
C ALA A 106 4.53 -21.82 -2.21
N THR A 107 5.01 -21.30 -3.33
CA THR A 107 6.34 -20.71 -3.38
C THR A 107 6.40 -19.47 -2.48
N LEU A 108 5.37 -18.64 -2.55
CA LEU A 108 5.32 -17.43 -1.75
C LEU A 108 5.35 -17.79 -0.26
N LYS A 109 4.58 -18.80 0.12
CA LYS A 109 4.54 -19.25 1.51
C LYS A 109 5.95 -19.60 1.99
N LYS A 110 6.67 -20.35 1.16
CA LYS A 110 8.03 -20.77 1.49
C LYS A 110 8.96 -19.57 1.59
N GLU A 111 8.83 -18.64 0.64
CA GLU A 111 9.67 -17.44 0.63
C GLU A 111 9.46 -16.55 1.85
N PHE A 112 8.22 -16.53 2.35
CA PHE A 112 7.89 -15.71 3.51
C PHE A 112 8.20 -16.45 4.80
N GLY A 113 8.07 -17.77 4.76
CA GLY A 113 8.33 -18.59 5.92
C GLY A 113 7.03 -19.20 6.40
N GLY A 114 6.80 -20.46 6.05
CA GLY A 114 5.58 -21.13 6.44
C GLY A 114 5.34 -21.12 7.93
N GLY A 115 6.42 -21.07 8.71
CA GLY A 115 6.31 -21.07 10.15
C GLY A 115 5.65 -19.83 10.73
N HIS A 116 5.53 -18.78 9.91
CA HIS A 116 4.89 -17.55 10.38
C HIS A 116 3.43 -17.48 9.96
N ILE A 117 3.01 -18.43 9.13
CA ILE A 117 1.63 -18.46 8.63
C ILE A 117 0.75 -19.35 9.50
N LYS A 118 -0.19 -18.74 10.21
CA LYS A 118 -1.09 -19.48 11.07
C LYS A 118 -2.30 -20.03 10.31
N ASP A 119 -2.88 -19.18 9.46
CA ASP A 119 -4.05 -19.57 8.68
C ASP A 119 -3.91 -19.22 7.22
N GLU A 120 -4.48 -20.07 6.37
CA GLU A 120 -4.44 -19.89 4.94
C GLU A 120 -5.87 -19.85 4.44
N VAL A 121 -6.23 -18.76 3.76
CA VAL A 121 -7.58 -18.62 3.25
C VAL A 121 -7.58 -18.32 1.75
N PHE A 122 -8.59 -18.84 1.06
CA PHE A 122 -8.75 -18.64 -0.37
C PHE A 122 -10.10 -17.97 -0.60
N GLY A 123 -10.19 -17.14 -1.62
CA GLY A 123 -11.46 -16.49 -1.91
C GLY A 123 -11.59 -16.02 -3.35
N THR A 124 -12.83 -15.99 -3.85
CA THR A 124 -13.08 -15.51 -5.21
C THR A 124 -14.08 -14.35 -5.14
N VAL A 125 -14.67 -14.16 -3.95
CA VAL A 125 -15.59 -13.05 -3.70
C VAL A 125 -15.18 -12.49 -2.34
N LYS A 126 -15.41 -11.20 -2.12
CA LYS A 126 -15.00 -10.59 -0.87
C LYS A 126 -15.55 -11.27 0.38
N GLU A 127 -16.77 -11.78 0.31
CA GLU A 127 -17.37 -12.45 1.45
C GLU A 127 -16.53 -13.62 1.94
N ASP A 128 -15.72 -14.19 1.05
CA ASP A 128 -14.87 -15.32 1.40
C ASP A 128 -13.67 -14.93 2.24
N VAL A 129 -13.24 -13.68 2.11
CA VAL A 129 -12.05 -13.24 2.83
C VAL A 129 -12.17 -12.00 3.71
N SER A 130 -13.40 -11.57 3.97
CA SER A 130 -13.63 -10.42 4.85
C SER A 130 -13.31 -10.92 6.26
N LEU A 131 -13.35 -10.03 7.26
CA LEU A 131 -13.06 -10.46 8.62
C LEU A 131 -14.09 -11.52 9.04
N HIS A 132 -15.34 -11.30 8.66
CA HIS A 132 -16.39 -12.25 8.98
C HIS A 132 -16.10 -13.58 8.28
N GLY A 133 -15.68 -13.51 7.02
CA GLY A 133 -15.37 -14.72 6.28
C GLY A 133 -14.23 -15.50 6.92
N TYR A 134 -13.23 -14.77 7.42
CA TYR A 134 -12.08 -15.38 8.09
C TYR A 134 -12.49 -16.06 9.40
N LYS A 135 -13.34 -15.39 10.18
CA LYS A 135 -13.80 -15.95 11.45
C LYS A 135 -14.61 -17.21 11.18
N LYS A 136 -15.44 -17.19 10.14
CA LYS A 136 -16.26 -18.33 9.79
C LYS A 136 -15.35 -19.47 9.37
N TYR A 137 -14.29 -19.14 8.65
CA TYR A 137 -13.32 -20.14 8.20
C TYR A 137 -12.71 -20.82 9.42
N LEU A 138 -12.34 -20.02 10.41
CA LEU A 138 -11.73 -20.56 11.63
C LEU A 138 -12.63 -21.58 12.31
N LEU A 139 -13.95 -21.36 12.22
CA LEU A 139 -14.91 -22.27 12.84
C LEU A 139 -14.93 -23.62 12.12
N ILE B 7 19.32 14.62 -2.40
CA ILE B 7 18.33 13.49 -2.44
C ILE B 7 17.51 13.56 -3.72
N GLN B 8 17.37 12.43 -4.39
CA GLN B 8 16.60 12.39 -5.63
C GLN B 8 15.87 11.07 -5.81
N ALA B 9 15.09 11.00 -6.88
CA ALA B 9 14.35 9.80 -7.21
C ALA B 9 15.14 9.05 -8.28
N SER B 10 15.37 7.77 -8.05
CA SER B 10 16.10 6.93 -8.99
C SER B 10 15.24 6.75 -10.24
N GLU B 11 15.84 6.22 -11.31
CA GLU B 11 15.09 6.02 -12.52
C GLU B 11 14.07 4.90 -12.35
N ASP B 12 14.31 3.98 -11.41
CA ASP B 12 13.34 2.93 -11.16
C ASP B 12 12.08 3.63 -10.65
N VAL B 13 12.28 4.60 -9.77
CA VAL B 13 11.17 5.34 -9.21
C VAL B 13 10.49 6.21 -10.25
N LYS B 14 11.26 6.81 -11.15
CA LYS B 14 10.66 7.65 -12.17
C LYS B 14 9.83 6.85 -13.18
N GLU B 15 10.12 5.56 -13.30
CA GLU B 15 9.36 4.71 -14.20
C GLU B 15 7.99 4.50 -13.56
N ILE B 16 7.99 4.34 -12.24
CA ILE B 16 6.75 4.17 -11.50
C ILE B 16 5.96 5.48 -11.57
N PHE B 17 6.67 6.61 -11.51
CA PHE B 17 6.00 7.91 -11.60
C PHE B 17 5.25 8.02 -12.92
N ALA B 18 5.91 7.62 -14.00
CA ALA B 18 5.28 7.68 -15.33
C ALA B 18 4.08 6.75 -15.39
N ARG B 19 4.22 5.53 -14.87
CA ARG B 19 3.09 4.60 -14.88
C ARG B 19 1.92 5.19 -14.10
N ALA B 20 2.23 5.84 -12.98
CA ALA B 20 1.18 6.44 -12.15
C ALA B 20 0.46 7.57 -12.88
N ARG B 21 1.24 8.47 -13.49
CA ARG B 21 0.64 9.60 -14.22
C ARG B 21 -0.09 9.10 -15.45
N ASN B 22 0.24 7.91 -15.91
CA ASN B 22 -0.42 7.32 -17.08
C ASN B 22 -1.80 6.87 -16.62
N GLY B 23 -2.00 6.84 -15.29
CA GLY B 23 -3.28 6.44 -14.73
C GLY B 23 -3.32 5.04 -14.16
N LYS B 24 -2.21 4.31 -14.28
CA LYS B 24 -2.13 2.94 -13.80
C LYS B 24 -2.23 2.80 -12.29
N TYR B 25 -1.90 3.87 -11.57
CA TYR B 25 -2.00 3.86 -10.12
C TYR B 25 -2.84 5.05 -9.65
N ARG B 26 -3.60 4.85 -8.57
CA ARG B 26 -4.43 5.90 -8.00
C ARG B 26 -3.58 6.74 -7.06
N LEU B 27 -2.61 6.11 -6.41
CA LEU B 27 -1.76 6.85 -5.49
C LEU B 27 -0.44 6.15 -5.26
N LEU B 28 0.51 6.92 -4.73
CA LEU B 28 1.84 6.41 -4.40
C LEU B 28 2.23 6.97 -3.05
N LYS B 29 2.84 6.14 -2.22
CA LYS B 29 3.35 6.60 -0.94
C LYS B 29 4.83 6.72 -1.18
N ILE B 30 5.41 7.87 -0.84
CA ILE B 30 6.84 8.08 -1.06
C ILE B 30 7.51 8.33 0.27
N SER B 31 8.64 7.67 0.49
CA SER B 31 9.38 7.85 1.73
C SER B 31 10.82 8.19 1.39
N ILE B 32 11.55 8.63 2.40
CA ILE B 32 12.96 8.96 2.23
C ILE B 32 13.72 7.89 2.99
N GLU B 33 14.49 7.10 2.26
CA GLU B 33 15.29 6.03 2.85
C GLU B 33 16.72 6.12 2.37
N ASN B 34 17.64 6.36 3.30
CA ASN B 34 19.05 6.46 2.95
C ASN B 34 19.28 7.49 1.85
N GLU B 35 18.85 8.72 2.10
CA GLU B 35 19.02 9.81 1.16
C GLU B 35 18.51 9.48 -0.24
N GLN B 36 17.35 8.84 -0.31
CA GLN B 36 16.77 8.45 -1.59
C GLN B 36 15.26 8.47 -1.48
N LEU B 37 14.57 8.95 -2.53
CA LEU B 37 13.11 8.98 -2.53
C LEU B 37 12.66 7.63 -3.08
N VAL B 38 11.93 6.88 -2.26
CA VAL B 38 11.48 5.55 -2.65
C VAL B 38 9.97 5.40 -2.59
N VAL B 39 9.43 4.51 -3.41
CA VAL B 39 7.98 4.27 -3.43
C VAL B 39 7.71 3.22 -2.36
N GLY B 40 6.96 3.60 -1.33
CA GLY B 40 6.66 2.68 -0.25
C GLY B 40 5.36 1.92 -0.37
N SER B 41 4.53 2.29 -1.35
CA SER B 41 3.25 1.62 -1.55
C SER B 41 2.56 2.22 -2.76
N CYS B 42 1.70 1.43 -3.41
CA CYS B 42 0.96 1.91 -4.58
C CYS B 42 -0.31 1.10 -4.76
N SER B 43 -1.31 1.69 -5.40
CA SER B 43 -2.57 1.00 -5.64
C SER B 43 -3.23 1.46 -6.92
N PRO B 44 -3.77 0.52 -7.71
CA PRO B 44 -4.43 0.88 -8.96
C PRO B 44 -5.78 1.53 -8.61
N PRO B 45 -6.36 2.28 -9.56
CA PRO B 45 -7.65 2.91 -9.28
C PRO B 45 -8.76 1.86 -9.25
N SER B 46 -9.83 2.15 -8.52
CA SER B 46 -10.95 1.22 -8.41
C SER B 46 -12.26 1.92 -8.80
N ASP B 47 -12.60 2.98 -8.07
CA ASP B 47 -13.81 3.74 -8.32
C ASP B 47 -13.46 5.20 -8.58
N SER B 48 -14.37 6.11 -8.22
CA SER B 48 -14.13 7.54 -8.40
C SER B 48 -13.06 7.92 -7.38
N TRP B 49 -12.41 9.07 -7.59
CA TRP B 49 -11.37 9.48 -6.68
C TRP B 49 -11.80 9.60 -5.21
N GLU B 50 -12.99 10.15 -4.96
CA GLU B 50 -13.44 10.30 -3.58
C GLU B 50 -13.51 8.97 -2.85
N GLN B 51 -14.07 7.98 -3.52
CA GLN B 51 -14.20 6.65 -2.96
C GLN B 51 -12.81 6.05 -2.72
N ASP B 52 -11.93 6.21 -3.70
CA ASP B 52 -10.57 5.69 -3.59
C ASP B 52 -9.79 6.41 -2.49
N TYR B 53 -10.07 7.69 -2.27
CA TYR B 53 -9.36 8.46 -1.24
C TYR B 53 -9.67 7.84 0.11
N ASP B 54 -10.96 7.62 0.38
CA ASP B 54 -11.39 7.04 1.64
C ASP B 54 -10.78 5.66 1.88
N SER B 55 -10.71 4.85 0.83
CA SER B 55 -10.17 3.51 0.99
C SER B 55 -8.65 3.36 0.99
N PHE B 56 -7.94 4.25 0.31
CA PHE B 56 -6.47 4.09 0.23
C PHE B 56 -5.53 4.99 1.03
N VAL B 57 -5.92 6.23 1.30
CA VAL B 57 -5.02 7.16 1.99
C VAL B 57 -4.66 6.90 3.45
N LEU B 58 -5.64 6.91 4.34
CA LEU B 58 -5.37 6.73 5.75
C LEU B 58 -4.57 5.49 6.20
N PRO B 59 -4.80 4.32 5.59
CA PRO B 59 -4.06 3.12 6.01
C PRO B 59 -2.55 3.22 5.82
N LEU B 60 -2.11 4.21 5.04
CA LEU B 60 -0.69 4.40 4.75
C LEU B 60 0.10 5.21 5.77
N LEU B 61 -0.59 5.99 6.60
CA LEU B 61 0.07 6.89 7.55
C LEU B 61 0.51 6.33 8.91
N GLU B 62 1.83 6.26 9.13
CA GLU B 62 2.39 5.78 10.39
C GLU B 62 2.26 6.87 11.45
N ASP B 63 2.02 6.47 12.69
CA ASP B 63 1.86 7.43 13.76
C ASP B 63 3.09 8.25 14.13
N LYS B 64 4.28 7.67 13.97
CA LYS B 64 5.49 8.38 14.36
C LYS B 64 6.51 8.47 13.23
N GLN B 65 6.02 8.53 12.00
CA GLN B 65 6.91 8.59 10.84
C GLN B 65 6.27 9.36 9.70
N PRO B 66 6.98 10.38 9.18
CA PRO B 66 6.42 11.16 8.08
C PRO B 66 6.51 10.40 6.76
N CYS B 67 5.76 10.85 5.78
CA CYS B 67 5.81 10.25 4.46
C CYS B 67 5.10 11.23 3.55
N TYR B 68 5.12 10.96 2.26
CA TYR B 68 4.41 11.80 1.31
C TYR B 68 3.42 10.87 0.64
N VAL B 69 2.26 11.40 0.25
CA VAL B 69 1.29 10.59 -0.47
C VAL B 69 0.89 11.41 -1.68
N LEU B 70 1.12 10.87 -2.87
CA LEU B 70 0.73 11.56 -4.10
C LEU B 70 -0.56 10.84 -4.51
N PHE B 71 -1.67 11.58 -4.51
CA PHE B 71 -2.97 11.02 -4.85
C PHE B 71 -3.48 11.57 -6.16
N ARG B 72 -3.81 10.67 -7.08
CA ARG B 72 -4.30 11.07 -8.40
C ARG B 72 -5.82 11.31 -8.44
N LEU B 73 -6.20 12.48 -8.95
CA LEU B 73 -7.61 12.84 -9.08
C LEU B 73 -8.08 12.29 -10.43
N ASP B 74 -9.36 12.49 -10.73
CA ASP B 74 -9.93 12.02 -12.00
C ASP B 74 -9.85 13.11 -13.06
N SER B 75 -9.68 14.35 -12.61
CA SER B 75 -9.59 15.50 -13.51
C SER B 75 -8.20 15.63 -14.11
N GLN B 76 -8.08 16.44 -15.15
CA GLN B 76 -6.80 16.66 -15.81
C GLN B 76 -6.59 18.11 -16.18
N ASN B 77 -5.32 18.48 -16.34
CA ASN B 77 -4.96 19.83 -16.77
C ASN B 77 -4.25 19.62 -18.11
N ALA B 78 -3.61 20.66 -18.63
CA ALA B 78 -2.93 20.54 -19.93
C ALA B 78 -1.81 19.49 -19.95
N GLN B 79 -1.35 19.08 -18.78
CA GLN B 79 -0.27 18.10 -18.68
C GLN B 79 -0.69 16.69 -18.27
N GLY B 80 -1.99 16.43 -18.19
CA GLY B 80 -2.46 15.12 -17.80
C GLY B 80 -3.22 15.16 -16.49
N TYR B 81 -3.37 14.01 -15.84
CA TYR B 81 -4.11 13.96 -14.57
C TYR B 81 -3.57 14.93 -13.53
N GLU B 82 -4.47 15.44 -12.69
CA GLU B 82 -4.08 16.36 -11.64
C GLU B 82 -3.88 15.54 -10.38
N TRP B 83 -2.97 15.98 -9.52
CA TRP B 83 -2.68 15.26 -8.30
C TRP B 83 -2.74 16.10 -7.04
N ILE B 84 -2.93 15.41 -5.91
CA ILE B 84 -2.92 16.04 -4.61
C ILE B 84 -1.57 15.61 -4.03
N PHE B 85 -0.81 16.56 -3.50
CA PHE B 85 0.48 16.27 -2.89
C PHE B 85 0.25 16.35 -1.39
N ILE B 86 0.23 15.20 -0.72
CA ILE B 86 0.01 15.15 0.71
C ILE B 86 1.33 14.98 1.47
N ALA B 87 1.63 15.94 2.35
CA ALA B 87 2.83 15.86 3.17
C ALA B 87 2.37 15.52 4.57
N TRP B 88 2.65 14.28 4.99
CA TRP B 88 2.28 13.77 6.30
C TRP B 88 3.47 13.89 7.24
N SER B 89 3.28 14.61 8.35
CA SER B 89 4.34 14.83 9.31
C SER B 89 3.76 14.85 10.73
N PRO B 90 3.57 13.67 11.32
CA PRO B 90 3.01 13.53 12.67
C PRO B 90 3.87 14.22 13.71
N ASP B 91 3.24 14.84 14.70
CA ASP B 91 4.00 15.54 15.73
C ASP B 91 4.81 14.60 16.60
N HIS B 92 4.40 13.34 16.68
CA HIS B 92 5.13 12.36 17.47
C HIS B 92 6.34 11.86 16.70
N SER B 93 6.62 12.52 15.57
CA SER B 93 7.75 12.16 14.73
C SER B 93 9.03 12.75 15.29
N HIS B 94 10.17 12.16 14.92
CA HIS B 94 11.44 12.67 15.37
C HIS B 94 11.68 14.00 14.65
N VAL B 95 12.23 14.99 15.33
CA VAL B 95 12.49 16.30 14.72
C VAL B 95 13.33 16.24 13.45
N ARG B 96 14.33 15.37 13.45
CA ARG B 96 15.20 15.21 12.29
C ARG B 96 14.36 14.76 11.09
N GLN B 97 13.43 13.84 11.33
CA GLN B 97 12.56 13.37 10.26
C GLN B 97 11.62 14.47 9.82
N LYS B 98 11.10 15.24 10.76
CA LYS B 98 10.21 16.36 10.42
C LYS B 98 10.95 17.32 9.50
N MET B 99 12.19 17.66 9.88
CA MET B 99 13.03 18.57 9.10
C MET B 99 13.37 18.02 7.72
N LEU B 100 13.75 16.74 7.68
CA LEU B 100 14.13 16.10 6.44
C LEU B 100 12.99 16.09 5.42
N TYR B 101 11.82 15.65 5.84
CA TYR B 101 10.68 15.62 4.92
C TYR B 101 10.23 17.01 4.48
N ALA B 102 10.22 17.98 5.38
CA ALA B 102 9.80 19.31 5.00
C ALA B 102 10.80 19.92 4.02
N ALA B 103 12.09 19.67 4.24
CA ALA B 103 13.12 20.22 3.36
C ALA B 103 13.21 19.54 2.01
N THR B 104 12.78 18.28 1.93
CA THR B 104 12.86 17.53 0.69
C THR B 104 11.56 17.54 -0.11
N ARG B 105 10.50 18.11 0.44
CA ARG B 105 9.22 18.13 -0.25
C ARG B 105 9.29 18.76 -1.64
N ALA B 106 9.95 19.91 -1.75
CA ALA B 106 10.08 20.59 -3.03
C ALA B 106 10.89 19.75 -4.02
N THR B 107 11.79 18.92 -3.50
CA THR B 107 12.61 18.07 -4.36
C THR B 107 11.73 17.00 -5.01
N LEU B 108 10.87 16.38 -4.22
CA LEU B 108 9.98 15.35 -4.75
C LEU B 108 9.04 15.98 -5.78
N LYS B 109 8.57 17.18 -5.48
CA LYS B 109 7.69 17.87 -6.41
C LYS B 109 8.36 18.06 -7.77
N LYS B 110 9.62 18.48 -7.76
CA LYS B 110 10.34 18.70 -9.01
C LYS B 110 10.54 17.38 -9.75
N GLU B 111 10.93 16.34 -9.01
CA GLU B 111 11.16 15.02 -9.61
C GLU B 111 9.90 14.43 -10.23
N PHE B 112 8.74 14.73 -9.61
CA PHE B 112 7.47 14.20 -10.10
C PHE B 112 6.89 15.06 -11.23
N GLY B 113 7.25 16.34 -11.23
CA GLY B 113 6.71 17.25 -12.23
C GLY B 113 5.72 18.15 -11.53
N GLY B 114 6.18 19.36 -11.19
CA GLY B 114 5.33 20.30 -10.48
C GLY B 114 4.03 20.66 -11.18
N GLY B 115 4.04 20.61 -12.52
CA GLY B 115 2.85 20.96 -13.27
C GLY B 115 1.70 20.00 -13.09
N HIS B 116 1.99 18.82 -12.56
CA HIS B 116 0.96 17.80 -12.35
C HIS B 116 0.28 17.95 -11.00
N ILE B 117 0.86 18.79 -10.13
CA ILE B 117 0.32 18.99 -8.77
C ILE B 117 -0.72 20.11 -8.74
N LYS B 118 -1.94 19.76 -8.39
CA LYS B 118 -3.02 20.74 -8.28
C LYS B 118 -3.15 21.28 -6.86
N ASP B 119 -3.15 20.37 -5.88
CA ASP B 119 -3.30 20.75 -4.49
C ASP B 119 -2.19 20.21 -3.60
N GLU B 120 -1.80 21.01 -2.61
CA GLU B 120 -0.75 20.63 -1.67
C GLU B 120 -1.32 20.69 -0.25
N VAL B 121 -1.39 19.53 0.39
CA VAL B 121 -1.95 19.44 1.73
C VAL B 121 -0.91 18.96 2.74
N PHE B 122 -0.94 19.57 3.91
CA PHE B 122 -0.02 19.23 4.99
C PHE B 122 -0.85 18.80 6.19
N GLY B 123 -0.34 17.84 6.97
CA GLY B 123 -1.09 17.40 8.13
C GLY B 123 -0.20 16.77 9.19
N THR B 124 -0.57 16.93 10.46
CA THR B 124 0.20 16.34 11.55
C THR B 124 -0.66 15.33 12.32
N VAL B 125 -1.96 15.36 12.05
CA VAL B 125 -2.92 14.42 12.64
C VAL B 125 -3.77 13.89 11.49
N LYS B 126 -4.19 12.64 11.57
CA LYS B 126 -4.95 12.02 10.48
C LYS B 126 -6.14 12.81 9.96
N GLU B 127 -6.83 13.52 10.84
CA GLU B 127 -7.98 14.31 10.41
C GLU B 127 -7.58 15.34 9.35
N ASP B 128 -6.39 15.92 9.49
CA ASP B 128 -5.90 16.93 8.55
C ASP B 128 -5.82 16.43 7.12
N VAL B 129 -5.52 15.16 6.94
CA VAL B 129 -5.36 14.61 5.61
C VAL B 129 -6.39 13.57 5.18
N SER B 130 -7.47 13.47 5.94
CA SER B 130 -8.54 12.54 5.60
C SER B 130 -9.27 13.20 4.44
N LEU B 131 -10.23 12.49 3.87
CA LEU B 131 -11.00 13.05 2.76
C LEU B 131 -11.69 14.33 3.22
N HIS B 132 -12.19 14.33 4.46
CA HIS B 132 -12.84 15.50 5.02
C HIS B 132 -11.82 16.63 5.13
N GLY B 133 -10.60 16.27 5.56
CA GLY B 133 -9.54 17.25 5.70
C GLY B 133 -9.18 17.90 4.39
N TYR B 134 -9.17 17.11 3.32
CA TYR B 134 -8.86 17.62 2.01
C TYR B 134 -9.95 18.58 1.57
N LYS B 135 -11.20 18.18 1.76
CA LYS B 135 -12.34 19.02 1.39
C LYS B 135 -12.30 20.34 2.12
N LYS B 136 -11.99 20.31 3.41
CA LYS B 136 -11.92 21.55 4.17
C LYS B 136 -10.77 22.41 3.65
N TYR B 137 -9.69 21.77 3.23
CA TYR B 137 -8.55 22.48 2.69
C TYR B 137 -8.95 23.25 1.44
N LEU B 138 -9.67 22.57 0.55
CA LEU B 138 -10.13 23.18 -0.68
C LEU B 138 -10.94 24.45 -0.41
N LEU B 139 -11.62 24.49 0.72
CA LEU B 139 -12.41 25.66 1.09
C LEU B 139 -11.52 26.88 1.20
#